data_4AYV
#
_entry.id   4AYV
#
_cell.length_a   90.800
_cell.length_b   90.800
_cell.length_c   132.500
_cell.angle_alpha   90.00
_cell.angle_beta   90.00
_cell.angle_gamma   90.00
#
_symmetry.space_group_name_H-M   'P 43 21 2'
#
loop_
_entity.id
_entity.type
_entity.pdbx_description
1 polymer 'THROMBIN LIGHT CHAIN'
2 polymer 'THROMBIN HEAVY CHAIN'
3 polymer "HIRUDIN-3A'"
4 non-polymer '{Benzyl-[(S)-3-[((S)-1-carbamimidoyl-piperidin-3-ylmethyl)-carbamoyl]-2-(naphthalene-2-sulfonylamino)-propionyl]-amino}-acetic acid'
5 non-polymer 2-acetamido-2-deoxy-beta-D-glucopyranose
6 non-polymer 'SODIUM ION'
7 water water
#
loop_
_entity_poly.entity_id
_entity_poly.type
_entity_poly.pdbx_seq_one_letter_code
_entity_poly.pdbx_strand_id
1 'polypeptide(L)' GEADCGLRPLFEKKSLEDKTERELLESYID A
2 'polypeptide(L)'
;IVEGSDAEIGMSPWQVMLFRKSPQELLCGASLISDRWVLTAAHCLLYPPWDKNFTENDLLVRIGKHSRTRYERNIEKISM
LEKIYIHPRYNWRENLDRDIALMKLKKPVAFSDYIHPVCLPDRETAASLLQAGYKGRVTGWGNLKETWTANVGKGQPSVL
QVVNLPIVERPVCKDSTRIRITDNMFCAGYKPDEGKRGDACEGDSGGPFVMKSPFNNRWYQMGIVSWGEGCDRDGKYGFY
THVFRLKKWIQKVIDQF
;
B
3 'polypeptide(L)' DFEEIPEEYLQ D
#
loop_
_chem_comp.id
_chem_comp.type
_chem_comp.name
_chem_comp.formula
9MQ non-polymer '{Benzyl-[(S)-3-[((S)-1-carbamimidoyl-piperidin-3-ylmethyl)-carbamoyl]-2-(naphthalene-2-sulfonylamino)-propionyl]-amino}-acetic acid' 'C30 H36 N6 O6 S'
NA non-polymer 'SODIUM ION' 'Na 1'
NAG D-saccharide, beta linking 2-acetamido-2-deoxy-beta-D-glucopyranose 'C8 H15 N O6'
#
# COMPACT_ATOMS: atom_id res chain seq x y z
N GLY A 1 -24.43 -12.84 0.26
CA GLY A 1 -24.36 -11.47 0.87
C GLY A 1 -23.15 -10.63 0.51
N GLU A 2 -22.34 -10.30 1.52
CA GLU A 2 -21.12 -9.48 1.37
C GLU A 2 -20.04 -10.23 0.61
N ALA A 3 -19.40 -9.54 -0.35
CA ALA A 3 -18.32 -10.13 -1.15
C ALA A 3 -17.15 -10.60 -0.27
N ASP A 4 -16.53 -11.70 -0.71
CA ASP A 4 -15.38 -12.31 -0.02
C ASP A 4 -14.17 -11.39 -0.10
N CYS A 5 -13.45 -11.21 1.00
CA CYS A 5 -12.28 -10.34 1.00
C CYS A 5 -11.28 -10.74 2.07
N GLY A 6 -10.01 -10.41 1.86
CA GLY A 6 -8.99 -10.61 2.87
C GLY A 6 -8.67 -12.04 3.21
N LEU A 7 -9.14 -13.00 2.40
CA LEU A 7 -8.74 -14.39 2.54
C LEU A 7 -7.97 -14.85 1.30
N ARG A 8 -6.67 -15.04 1.44
CA ARG A 8 -5.84 -15.32 0.27
C ARG A 8 -6.03 -16.76 -0.21
N PRO A 9 -6.30 -16.94 -1.53
CA PRO A 9 -6.47 -18.27 -2.15
C PRO A 9 -5.32 -19.23 -1.83
N LEU A 10 -4.10 -18.74 -1.76
CA LEU A 10 -2.96 -19.63 -1.58
C LEU A 10 -2.55 -19.76 -0.10
N PHE A 11 -3.28 -19.09 0.80
CA PHE A 11 -2.96 -19.16 2.23
C PHE A 11 -4.14 -19.54 3.13
N GLU A 12 -4.88 -18.56 3.65
CA GLU A 12 -6.10 -18.83 4.42
C GLU A 12 -6.94 -19.95 3.80
N LYS A 13 -7.21 -19.86 2.50
CA LYS A 13 -8.09 -20.82 1.81
C LYS A 13 -7.54 -22.23 1.62
N LYS A 14 -6.27 -22.45 1.94
CA LYS A 14 -5.66 -23.77 1.87
C LYS A 14 -5.10 -24.13 3.24
N SER A 15 -5.48 -23.37 4.25
CA SER A 15 -4.98 -23.50 5.64
C SER A 15 -3.47 -23.47 5.79
N LEU A 16 -2.78 -22.74 4.92
CA LEU A 16 -1.33 -22.53 5.08
C LEU A 16 -1.05 -21.13 5.60
N GLU A 17 0.05 -20.97 6.33
CA GLU A 17 0.43 -19.63 6.76
C GLU A 17 1.72 -19.08 6.11
N ASP A 18 1.79 -17.77 5.91
CA ASP A 18 3.02 -17.18 5.39
C ASP A 18 4.12 -17.13 6.45
N LYS A 19 5.37 -16.94 6.01
CA LYS A 19 6.56 -17.01 6.86
C LYS A 19 6.55 -16.10 8.07
N THR A 20 5.82 -14.99 8.03
CA THR A 20 5.96 -14.01 9.10
C THR A 20 4.67 -13.52 9.74
N GLU A 21 3.53 -14.13 9.39
CA GLU A 21 2.24 -13.70 9.97
C GLU A 21 2.11 -13.99 11.46
N ARG A 22 2.76 -15.07 11.91
CA ARG A 22 2.81 -15.40 13.34
C ARG A 22 3.34 -14.24 14.17
N GLU A 23 4.37 -13.55 13.65
CA GLU A 23 4.84 -12.30 14.25
C GLU A 23 3.71 -11.26 14.43
N LEU A 24 2.81 -11.13 13.46
CA LEU A 24 1.70 -10.16 13.56
C LEU A 24 0.75 -10.53 14.69
N LEU A 25 0.35 -11.80 14.74
CA LEU A 25 -0.62 -12.28 15.70
C LEU A 25 -0.12 -12.21 17.14
N GLU A 26 1.15 -12.58 17.36
CA GLU A 26 1.74 -12.51 18.69
C GLU A 26 1.80 -11.10 19.22
N SER A 27 1.91 -10.11 18.34
CA SER A 27 1.92 -8.73 18.81
C SER A 27 0.63 -8.40 19.56
N TYR A 28 -0.43 -9.17 19.31
CA TYR A 28 -1.74 -8.90 19.89
C TYR A 28 -1.82 -9.31 21.34
N ILE A 29 -1.01 -10.29 21.71
CA ILE A 29 -1.07 -10.89 23.02
C ILE A 29 0.20 -10.65 23.85
N ASP A 30 0.63 -9.39 23.98
CA ASP A 30 1.72 -9.03 24.91
C ASP A 30 1.29 -8.10 26.06
N ILE B 1 10.82 -0.79 0.24
CA ILE B 1 10.89 -1.44 1.59
C ILE B 1 12.34 -1.62 2.04
N VAL B 2 12.66 -1.00 3.17
CA VAL B 2 13.97 -1.12 3.81
C VAL B 2 13.92 -2.18 4.90
N GLU B 3 14.92 -3.06 4.93
CA GLU B 3 15.09 -4.13 5.93
C GLU B 3 13.91 -5.09 5.95
N GLY B 4 13.36 -5.41 4.78
CA GLY B 4 12.23 -6.32 4.70
C GLY B 4 12.76 -7.61 4.12
N SER B 5 11.92 -8.36 3.43
CA SER B 5 12.38 -9.56 2.73
C SER B 5 11.44 -9.90 1.57
N ASP B 6 11.87 -10.83 0.72
CA ASP B 6 11.06 -11.25 -0.42
C ASP B 6 9.69 -11.72 0.02
N ALA B 7 8.65 -11.32 -0.69
CA ALA B 7 7.33 -11.86 -0.41
C ALA B 7 7.28 -13.26 -0.96
N GLU B 8 6.39 -14.08 -0.44
CA GLU B 8 6.06 -15.37 -1.06
C GLU B 8 5.07 -15.13 -2.22
N ILE B 9 5.04 -16.04 -3.18
CA ILE B 9 4.09 -15.90 -4.28
C ILE B 9 2.70 -15.87 -3.67
N GLY B 10 1.91 -14.87 -4.04
CA GLY B 10 0.49 -14.83 -3.67
C GLY B 10 0.19 -14.38 -2.26
N MET B 11 1.22 -13.88 -1.57
CA MET B 11 1.14 -13.40 -0.20
C MET B 11 0.35 -12.09 -0.05
N SER B 12 0.30 -11.30 -1.12
CA SER B 12 -0.42 -10.03 -1.12
C SER B 12 -1.24 -9.91 -2.37
N PRO B 13 -2.28 -10.76 -2.54
CA PRO B 13 -2.99 -10.77 -3.82
C PRO B 13 -3.71 -9.44 -4.14
N TRP B 14 -3.79 -8.50 -3.19
CA TRP B 14 -4.46 -7.21 -3.40
C TRP B 14 -3.50 -6.10 -3.82
N GLN B 15 -2.21 -6.40 -3.81
CA GLN B 15 -1.16 -5.43 -4.16
C GLN B 15 -1.26 -5.01 -5.64
N VAL B 16 -1.30 -3.71 -5.89
CA VAL B 16 -1.38 -3.20 -7.24
C VAL B 16 -0.14 -2.36 -7.53
N MET B 17 0.36 -2.41 -8.77
CA MET B 17 1.42 -1.51 -9.23
C MET B 17 0.83 -0.37 -10.09
N LEU B 18 1.17 0.88 -9.78
CA LEU B 18 0.86 2.00 -10.67
C LEU B 18 2.02 2.22 -11.63
N PHE B 19 1.74 1.96 -12.91
CA PHE B 19 2.76 2.02 -13.94
C PHE B 19 2.51 3.21 -14.85
N ARG B 20 3.54 4.06 -14.95
CA ARG B 20 3.53 5.15 -15.91
C ARG B 20 3.79 4.65 -17.34
N LYS B 21 3.02 5.13 -18.32
CA LYS B 21 3.15 4.69 -19.71
C LYS B 21 4.44 5.10 -20.42
N SER B 22 4.72 6.41 -20.38
CA SER B 22 5.89 6.97 -21.05
C SER B 22 6.47 8.16 -20.29
N PRO B 23 7.71 8.04 -19.78
CA PRO B 23 8.53 6.83 -19.80
C PRO B 23 7.94 5.69 -18.94
N GLN B 24 8.27 4.45 -19.29
CA GLN B 24 7.91 3.31 -18.47
C GLN B 24 8.67 3.35 -17.15
N GLU B 25 7.95 3.55 -16.05
CA GLU B 25 8.53 3.54 -14.70
C GLU B 25 7.49 3.20 -13.63
N LEU B 26 7.94 2.71 -12.48
CA LEU B 26 7.08 2.46 -11.32
C LEU B 26 6.73 3.76 -10.60
N LEU B 27 5.46 4.11 -10.55
CA LEU B 27 5.04 5.34 -9.88
C LEU B 27 4.85 5.21 -8.37
N CYS B 28 4.15 4.16 -7.95
CA CYS B 28 3.54 4.03 -6.62
C CYS B 28 2.90 2.65 -6.48
N GLY B 29 2.66 2.21 -5.24
CA GLY B 29 1.83 1.03 -4.97
C GLY B 29 0.35 1.41 -4.87
N ALA B 30 -0.52 0.43 -4.69
CA ALA B 30 -1.94 0.66 -4.51
C ALA B 30 -2.54 -0.66 -4.07
N SER B 31 -3.84 -0.69 -3.81
CA SER B 31 -4.46 -1.95 -3.40
C SER B 31 -5.81 -2.13 -4.05
N LEU B 32 -6.14 -3.39 -4.33
CA LEU B 32 -7.42 -3.79 -4.89
C LEU B 32 -8.47 -3.94 -3.77
N ILE B 33 -9.63 -3.29 -3.94
CA ILE B 33 -10.68 -3.36 -2.92
C ILE B 33 -12.01 -3.92 -3.43
N SER B 34 -12.18 -3.98 -4.74
CA SER B 34 -13.25 -4.75 -5.37
C SER B 34 -12.79 -5.06 -6.77
N ASP B 35 -13.66 -5.63 -7.58
CA ASP B 35 -13.27 -5.97 -8.96
C ASP B 35 -13.06 -4.75 -9.88
N ARG B 36 -13.53 -3.57 -9.49
N ARG B 36 -13.53 -3.58 -9.46
CA ARG B 36 -13.35 -2.38 -10.31
CA ARG B 36 -13.51 -2.37 -10.26
C ARG B 36 -12.73 -1.17 -9.62
C ARG B 36 -12.79 -1.17 -9.62
N TRP B 37 -12.42 -1.30 -8.33
CA TRP B 37 -11.88 -0.16 -7.60
C TRP B 37 -10.52 -0.39 -6.99
N VAL B 38 -9.67 0.62 -7.13
CA VAL B 38 -8.31 0.60 -6.59
C VAL B 38 -8.10 1.80 -5.67
N LEU B 39 -7.49 1.55 -4.51
CA LEU B 39 -7.16 2.59 -3.55
C LEU B 39 -5.65 2.91 -3.57
N THR B 40 -5.32 4.21 -3.52
CA THR B 40 -3.91 4.65 -3.46
C THR B 40 -3.79 5.96 -2.71
N ALA B 41 -2.58 6.53 -2.62
CA ALA B 41 -2.37 7.88 -2.08
C ALA B 41 -2.64 8.97 -3.12
N ALA B 42 -3.34 10.04 -2.73
CA ALA B 42 -3.53 11.23 -3.59
C ALA B 42 -2.20 11.78 -4.15
N HIS B 43 -1.18 11.89 -3.30
CA HIS B 43 0.07 12.51 -3.76
C HIS B 43 0.84 11.72 -4.83
N CYS B 44 0.40 10.49 -5.11
CA CYS B 44 0.94 9.72 -6.23
C CYS B 44 0.47 10.27 -7.57
N LEU B 45 -0.66 10.97 -7.54
CA LEU B 45 -1.31 11.40 -8.77
C LEU B 45 -1.22 12.91 -8.95
N LEU B 46 -1.35 13.64 -7.85
CA LEU B 46 -1.48 15.09 -7.89
C LEU B 46 -0.61 15.76 -6.86
N TYR B 47 0.32 16.58 -7.34
CA TYR B 47 1.07 17.47 -6.48
C TYR B 47 1.48 18.74 -7.25
N PRO B 48 0.68 19.83 -7.14
CA PRO B 48 0.90 21.05 -7.94
C PRO B 48 2.29 21.74 -7.84
N PRO B 49 2.90 21.83 -6.65
CA PRO B 49 4.25 22.42 -6.64
C PRO B 49 5.23 21.85 -7.68
N TRP B 50 5.33 20.52 -7.84
CA TRP B 50 6.17 19.93 -8.91
C TRP B 50 5.40 19.70 -10.20
N ASP B 51 4.34 20.49 -10.40
CA ASP B 51 3.51 20.39 -11.59
C ASP B 51 3.20 18.92 -11.97
N LYS B 52 2.86 18.11 -10.96
CA LYS B 52 2.50 16.69 -11.11
C LYS B 52 0.99 16.57 -11.12
N ASN B 53 0.44 16.08 -12.22
CA ASN B 53 -0.99 15.98 -12.38
C ASN B 53 -1.35 14.90 -13.41
N PHE B 54 -1.24 13.64 -13.02
CA PHE B 54 -1.55 12.50 -13.90
C PHE B 54 -3.04 12.31 -14.17
N THR B 55 -3.34 11.49 -15.17
CA THR B 55 -4.60 11.45 -15.86
C THR B 55 -4.91 10.02 -16.21
N GLU B 56 -6.18 9.68 -16.39
CA GLU B 56 -6.60 8.31 -16.76
C GLU B 56 -5.74 7.70 -17.86
N ASN B 57 -5.31 8.54 -18.80
CA ASN B 57 -4.54 8.11 -19.97
C ASN B 57 -3.03 8.00 -19.72
N ASP B 58 -2.55 8.67 -18.69
CA ASP B 58 -1.14 8.66 -18.33
C ASP B 58 -0.61 7.37 -17.65
N LEU B 59 -1.52 6.46 -17.28
CA LEU B 59 -1.20 5.35 -16.38
C LEU B 59 -1.88 4.06 -16.70
N LEU B 60 -1.19 3.01 -16.29
CA LEU B 60 -1.69 1.67 -16.27
C LEU B 60 -1.66 1.17 -14.82
N VAL B 61 -2.58 0.26 -14.50
CA VAL B 61 -2.61 -0.43 -13.23
C VAL B 61 -2.21 -1.89 -13.55
N ARG B 62 -1.27 -2.44 -12.79
CA ARG B 62 -0.90 -3.85 -12.97
C ARG B 62 -1.19 -4.69 -11.70
N ILE B 63 -2.00 -5.73 -11.87
CA ILE B 63 -2.49 -6.50 -10.74
C ILE B 63 -1.98 -7.92 -10.81
N GLY B 64 -1.60 -8.48 -9.66
CA GLY B 64 -1.17 -9.88 -9.60
C GLY B 64 0.32 -10.11 -9.73
N LYS B 65 1.13 -9.06 -9.61
CA LYS B 65 2.55 -9.19 -9.87
C LYS B 65 3.40 -9.74 -8.71
N HIS B 66 4.46 -10.46 -9.06
CA HIS B 66 5.49 -10.84 -8.10
C HIS B 66 6.77 -10.05 -8.42
N SER B 67 7.32 -10.29 -9.61
CA SER B 67 8.52 -9.61 -10.11
C SER B 67 8.28 -8.13 -10.30
N ARG B 68 9.27 -7.30 -9.99
CA ARG B 68 9.12 -5.86 -10.21
C ARG B 68 9.10 -5.51 -11.69
N THR B 69 9.92 -6.20 -12.49
CA THR B 69 10.21 -5.78 -13.87
C THR B 69 9.63 -6.69 -14.98
N ARG B 70 9.43 -7.96 -14.69
CA ARG B 70 8.94 -8.90 -15.70
C ARG B 70 7.51 -8.61 -16.14
N TYR B 71 7.18 -9.02 -17.35
CA TYR B 71 5.80 -9.05 -17.81
C TYR B 71 5.35 -10.47 -17.55
N GLU B 72 4.52 -10.64 -16.53
CA GLU B 72 4.23 -11.99 -16.05
C GLU B 72 2.96 -12.46 -16.73
N ARG B 73 3.12 -12.82 -18.00
CA ARG B 73 2.05 -13.05 -18.96
C ARG B 73 0.92 -13.94 -18.43
N ASN B 74 1.28 -15.02 -17.75
CA ASN B 74 0.31 -15.99 -17.23
C ASN B 74 -0.54 -15.53 -16.04
N ILE B 75 -0.09 -14.49 -15.37
CA ILE B 75 -0.47 -14.24 -13.99
C ILE B 75 -0.96 -12.81 -13.77
N GLU B 76 -0.24 -11.82 -14.28
CA GLU B 76 -0.68 -10.45 -14.08
C GLU B 76 -1.78 -10.05 -15.05
N LYS B 77 -2.60 -9.07 -14.68
CA LYS B 77 -3.56 -8.45 -15.59
C LYS B 77 -3.33 -6.95 -15.63
N ILE B 78 -3.42 -6.38 -16.82
CA ILE B 78 -3.14 -4.97 -17.00
C ILE B 78 -4.44 -4.27 -17.34
N SER B 79 -4.78 -3.22 -16.60
CA SER B 79 -6.05 -2.51 -16.80
C SER B 79 -5.80 -1.05 -17.07
N MET B 80 -6.72 -0.46 -17.83
CA MET B 80 -6.73 0.98 -18.04
C MET B 80 -7.70 1.66 -17.05
N LEU B 81 -7.52 2.93 -16.80
CA LEU B 81 -8.39 3.64 -15.87
C LEU B 81 -9.57 4.36 -16.53
N GLU B 82 -10.76 4.25 -15.93
CA GLU B 82 -11.89 5.03 -16.41
C GLU B 82 -11.91 6.42 -15.80
N LYS B 83 -11.63 6.52 -14.49
CA LYS B 83 -11.77 7.79 -13.77
C LYS B 83 -10.99 7.76 -12.45
N ILE B 84 -10.48 8.93 -12.06
CA ILE B 84 -9.72 9.11 -10.84
C ILE B 84 -10.48 10.06 -9.92
N TYR B 85 -10.57 9.73 -8.62
CA TYR B 85 -11.21 10.61 -7.63
C TYR B 85 -10.28 10.90 -6.49
N ILE B 86 -9.97 12.17 -6.29
CA ILE B 86 -9.10 12.61 -5.22
C ILE B 86 -9.94 13.27 -4.13
N HIS B 87 -9.65 12.96 -2.87
CA HIS B 87 -10.40 13.58 -1.77
C HIS B 87 -10.37 15.12 -1.91
N PRO B 88 -11.56 15.75 -1.91
CA PRO B 88 -11.65 17.20 -2.14
C PRO B 88 -10.87 18.07 -1.14
N ARG B 89 -10.67 17.59 0.08
CA ARG B 89 -9.91 18.38 1.08
C ARG B 89 -8.55 17.80 1.39
N TYR B 90 -7.95 17.18 0.37
CA TYR B 90 -6.57 16.71 0.40
C TYR B 90 -5.63 17.91 0.46
N ASN B 91 -4.89 17.99 1.55
CA ASN B 91 -4.05 19.13 1.84
C ASN B 91 -2.59 18.90 1.41
N TRP B 92 -2.30 19.23 0.16
CA TRP B 92 -0.92 19.13 -0.36
C TRP B 92 -0.06 20.34 0.03
N ARG B 93 -0.71 21.42 0.45
CA ARG B 93 -0.04 22.67 0.88
C ARG B 93 0.85 22.51 2.12
N GLU B 94 0.37 21.83 3.16
CA GLU B 94 1.13 21.82 4.41
C GLU B 94 1.44 20.50 5.12
N ASN B 95 0.67 19.44 4.91
CA ASN B 95 0.96 18.17 5.62
C ASN B 95 0.45 16.86 4.98
N LEU B 96 -0.03 16.92 3.75
CA LEU B 96 -0.58 15.71 3.09
C LEU B 96 -1.76 15.09 3.84
N ASP B 97 -2.59 15.96 4.42
CA ASP B 97 -3.74 15.53 5.21
C ASP B 97 -4.78 15.00 4.22
N ARG B 98 -5.37 13.86 4.54
CA ARG B 98 -6.31 13.19 3.64
C ARG B 98 -5.65 12.74 2.30
N ASP B 99 -4.51 12.08 2.44
CA ASP B 99 -3.78 11.59 1.30
C ASP B 99 -4.41 10.30 0.83
N ILE B 100 -5.46 10.41 0.02
CA ILE B 100 -6.23 9.26 -0.41
C ILE B 100 -6.87 9.55 -1.78
N ALA B 101 -6.96 8.52 -2.61
CA ALA B 101 -7.55 8.64 -3.94
C ALA B 101 -8.09 7.31 -4.36
N LEU B 102 -9.20 7.35 -5.08
CA LEU B 102 -9.77 6.16 -5.67
C LEU B 102 -9.56 6.11 -7.19
N MET B 103 -9.54 4.91 -7.75
CA MET B 103 -9.41 4.74 -9.19
C MET B 103 -10.39 3.69 -9.66
N LYS B 104 -11.21 4.06 -10.64
CA LYS B 104 -12.17 3.12 -11.23
C LYS B 104 -11.59 2.50 -12.49
N LEU B 105 -11.60 1.18 -12.54
CA LEU B 105 -11.05 0.46 -13.69
C LEU B 105 -12.01 0.49 -14.87
N LYS B 106 -11.48 0.55 -16.09
CA LYS B 106 -12.32 0.59 -17.31
C LYS B 106 -13.20 -0.66 -17.43
N LYS B 107 -12.60 -1.83 -17.21
CA LYS B 107 -13.31 -3.10 -17.15
C LYS B 107 -13.05 -3.79 -15.79
N PRO B 108 -13.96 -4.66 -15.33
CA PRO B 108 -13.72 -5.49 -14.12
C PRO B 108 -12.59 -6.51 -14.30
N VAL B 109 -11.85 -6.81 -13.23
CA VAL B 109 -10.85 -7.89 -13.29
C VAL B 109 -11.39 -9.19 -12.73
N ALA B 110 -11.02 -10.30 -13.37
CA ALA B 110 -11.35 -11.63 -12.84
C ALA B 110 -10.35 -11.94 -11.76
N PHE B 111 -10.85 -12.31 -10.58
CA PHE B 111 -10.02 -12.76 -9.47
C PHE B 111 -9.38 -14.09 -9.83
N SER B 112 -8.29 -14.44 -9.17
CA SER B 112 -7.59 -15.71 -9.37
C SER B 112 -6.81 -16.02 -8.12
N ASP B 113 -5.83 -16.92 -8.21
CA ASP B 113 -5.01 -17.26 -7.06
C ASP B 113 -4.06 -16.13 -6.68
N TYR B 114 -3.86 -15.19 -7.60
CA TYR B 114 -2.85 -14.15 -7.48
C TYR B 114 -3.51 -12.78 -7.39
N ILE B 115 -4.82 -12.73 -7.60
CA ILE B 115 -5.59 -11.48 -7.59
C ILE B 115 -6.84 -11.61 -6.68
N HIS B 116 -6.86 -10.89 -5.56
CA HIS B 116 -7.96 -11.00 -4.59
C HIS B 116 -8.03 -9.69 -3.78
N PRO B 117 -9.24 -9.19 -3.49
CA PRO B 117 -9.35 -7.89 -2.76
C PRO B 117 -9.12 -7.98 -1.24
N VAL B 118 -8.68 -6.87 -0.64
CA VAL B 118 -8.45 -6.77 0.81
C VAL B 118 -9.74 -6.20 1.43
N CYS B 119 -10.01 -6.48 2.70
CA CYS B 119 -11.18 -5.90 3.33
C CYS B 119 -10.89 -4.50 3.81
N LEU B 120 -11.93 -3.66 3.81
CA LEU B 120 -11.87 -2.41 4.56
C LEU B 120 -12.46 -2.58 5.96
N PRO B 121 -11.93 -1.87 6.97
CA PRO B 121 -12.40 -2.14 8.32
C PRO B 121 -13.73 -1.45 8.69
N ASP B 122 -14.54 -2.15 9.49
CA ASP B 122 -15.71 -1.56 10.16
C ASP B 122 -15.25 -0.90 11.45
N ARG B 123 -16.18 -0.22 12.14
CA ARG B 123 -15.90 0.46 13.43
C ARG B 123 -15.28 -0.46 14.51
N GLU B 124 -15.74 -1.70 14.59
CA GLU B 124 -15.34 -2.58 15.69
C GLU B 124 -13.91 -3.03 15.48
N THR B 125 -13.60 -3.43 14.25
CA THR B 125 -12.25 -3.83 13.84
C THR B 125 -11.23 -2.71 14.04
N ALA B 126 -11.55 -1.51 13.56
CA ALA B 126 -10.65 -0.38 13.65
C ALA B 126 -10.33 -0.06 15.10
N ALA B 127 -11.34 -0.09 15.96
CA ALA B 127 -11.18 0.12 17.41
C ALA B 127 -10.32 -0.94 18.12
N SER B 128 -10.44 -2.21 17.73
CA SER B 128 -9.64 -3.28 18.34
C SER B 128 -8.21 -3.33 17.82
N LEU B 129 -8.02 -3.13 16.52
CA LEU B 129 -6.71 -3.37 15.93
C LEU B 129 -5.78 -2.17 15.91
N LEU B 130 -6.32 -0.96 15.75
CA LEU B 130 -5.43 0.21 15.73
C LEU B 130 -5.00 0.65 17.11
N GLN B 131 -4.12 -0.15 17.74
CA GLN B 131 -3.59 0.15 19.08
C GLN B 131 -2.06 0.11 19.11
N ALA B 132 -1.46 1.10 19.76
CA ALA B 132 0.00 1.18 19.87
C ALA B 132 0.61 -0.14 20.34
N GLY B 133 1.62 -0.61 19.62
CA GLY B 133 2.26 -1.85 19.98
C GLY B 133 1.81 -3.03 19.13
N TYR B 134 0.66 -2.89 18.48
CA TYR B 134 0.25 -3.92 17.53
C TYR B 134 0.99 -3.74 16.19
N LYS B 135 1.31 -4.86 15.56
CA LYS B 135 2.03 -4.87 14.28
C LYS B 135 1.13 -5.05 13.03
N GLY B 136 1.42 -4.24 12.00
CA GLY B 136 0.84 -4.41 10.67
C GLY B 136 1.94 -4.73 9.65
N ARG B 137 1.53 -4.85 8.39
CA ARG B 137 2.46 -5.22 7.33
C ARG B 137 2.40 -4.27 6.14
N VAL B 138 3.56 -3.88 5.64
CA VAL B 138 3.63 -3.03 4.46
C VAL B 138 4.32 -3.83 3.36
N THR B 139 3.81 -3.72 2.13
CA THR B 139 4.46 -4.36 0.97
C THR B 139 4.66 -3.36 -0.16
N GLY B 140 5.71 -3.56 -0.94
CA GLY B 140 5.91 -2.76 -2.15
C GLY B 140 7.15 -3.10 -2.94
N TRP B 141 7.32 -2.45 -4.09
CA TRP B 141 8.49 -2.62 -4.92
C TRP B 141 9.39 -1.39 -4.82
N GLY B 142 9.20 -0.60 -3.77
CA GLY B 142 10.00 0.62 -3.58
C GLY B 142 11.45 0.32 -3.22
N ASN B 143 12.22 1.39 -2.95
CA ASN B 143 13.68 1.27 -2.74
C ASN B 143 14.10 0.51 -1.48
N LEU B 144 15.26 -0.13 -1.55
CA LEU B 144 15.77 -0.96 -0.45
C LEU B 144 16.64 -0.16 0.53
N LYS B 145 17.00 1.07 0.16
CA LYS B 145 17.79 1.97 1.01
C LYS B 145 17.39 3.37 0.63
N GLU B 146 17.60 4.32 1.54
CA GLU B 146 17.38 5.74 1.22
C GLU B 146 18.28 6.17 0.08
N THR B 147 19.56 5.80 0.19
CA THR B 147 20.58 6.24 -0.70
C THR B 147 21.53 5.06 -0.94
N TRP B 148 22.23 5.07 -2.07
CA TRP B 148 23.19 4.00 -2.36
C TRP B 148 24.18 4.44 -3.45
N THR B 149 25.28 3.72 -3.58
CA THR B 149 26.34 4.08 -4.56
C THR B 149 25.87 3.78 -5.98
N ALA B 150 25.93 4.79 -6.84
CA ALA B 150 25.43 4.64 -8.21
C ALA B 150 26.13 3.51 -8.97
N ASN B 151 25.34 2.73 -9.71
CA ASN B 151 25.83 1.65 -10.60
C ASN B 151 26.61 0.54 -9.92
N VAL B 152 26.61 0.54 -8.60
CA VAL B 152 27.21 -0.54 -7.84
C VAL B 152 26.19 -1.05 -6.82
N GLY B 153 25.90 -0.25 -5.80
CA GLY B 153 24.93 -0.59 -4.77
C GLY B 153 23.63 -1.07 -5.39
N LYS B 154 22.92 -1.91 -4.65
CA LYS B 154 21.53 -2.27 -4.93
C LYS B 154 20.73 -1.64 -3.78
N GLY B 155 19.73 -0.79 -4.06
CA GLY B 155 19.14 -0.54 -5.38
C GLY B 155 17.62 -0.65 -5.29
N GLN B 156 17.06 -1.46 -6.19
CA GLN B 156 15.65 -1.75 -6.27
C GLN B 156 15.46 -3.24 -6.27
N PRO B 157 14.41 -3.73 -5.58
CA PRO B 157 14.24 -5.17 -5.41
C PRO B 157 13.84 -5.83 -6.74
N SER B 158 14.06 -7.13 -6.84
CA SER B 158 13.64 -7.75 -8.06
C SER B 158 12.27 -8.42 -7.90
N VAL B 159 11.92 -8.78 -6.67
CA VAL B 159 10.57 -9.23 -6.35
C VAL B 159 9.97 -8.37 -5.25
N LEU B 160 8.64 -8.42 -5.08
CA LEU B 160 7.87 -7.71 -4.04
C LEU B 160 8.48 -7.93 -2.66
N GLN B 161 8.59 -6.85 -1.89
CA GLN B 161 9.17 -6.90 -0.54
C GLN B 161 8.10 -6.75 0.54
N VAL B 162 8.38 -7.31 1.71
CA VAL B 162 7.46 -7.23 2.85
C VAL B 162 8.20 -6.91 4.15
N VAL B 163 7.62 -6.00 4.95
CA VAL B 163 8.07 -5.75 6.30
C VAL B 163 6.88 -5.60 7.27
N ASN B 164 7.06 -6.10 8.51
CA ASN B 164 6.09 -5.95 9.60
C ASN B 164 6.49 -4.86 10.62
N LEU B 165 5.62 -3.89 10.86
CA LEU B 165 5.98 -2.74 11.71
C LEU B 165 4.94 -2.47 12.79
N PRO B 166 5.38 -2.09 14.01
CA PRO B 166 4.43 -1.74 15.07
C PRO B 166 3.89 -0.32 14.97
N ILE B 167 2.62 -0.16 15.33
CA ILE B 167 1.97 1.14 15.46
C ILE B 167 2.54 1.81 16.71
N VAL B 168 2.68 3.12 16.66
CA VAL B 168 3.40 3.90 17.66
C VAL B 168 2.42 4.87 18.33
N GLU B 169 2.61 5.16 19.62
CA GLU B 169 1.74 6.07 20.39
C GLU B 169 1.65 7.47 19.78
N ARG B 170 0.44 8.01 19.72
CA ARG B 170 0.23 9.34 19.12
C ARG B 170 1.21 10.43 19.66
N PRO B 171 1.51 10.44 20.99
CA PRO B 171 2.50 11.40 21.53
C PRO B 171 3.90 11.28 20.92
N VAL B 172 4.39 10.05 20.76
CA VAL B 172 5.70 9.84 20.15
C VAL B 172 5.71 10.25 18.66
N CYS B 173 4.63 9.95 17.93
CA CYS B 173 4.48 10.40 16.55
C CYS B 173 4.64 11.92 16.42
N LYS B 174 3.94 12.65 17.30
CA LYS B 174 3.97 14.12 17.32
C LYS B 174 5.38 14.67 17.60
N ASP B 175 6.07 14.08 18.57
CA ASP B 175 7.38 14.58 18.99
C ASP B 175 8.46 14.42 17.94
N SER B 176 8.26 13.50 17.00
CA SER B 176 9.31 13.07 16.07
C SER B 176 9.42 13.92 14.79
N THR B 177 8.49 14.85 14.59
CA THR B 177 8.44 15.63 13.36
C THR B 177 7.90 17.04 13.58
N ARG B 178 8.45 18.00 12.86
CA ARG B 178 7.96 19.36 12.96
C ARG B 178 6.70 19.59 12.12
N ILE B 179 6.19 18.52 11.50
CA ILE B 179 5.02 18.69 10.64
C ILE B 179 3.75 18.56 11.49
N ARG B 180 2.73 19.33 11.13
CA ARG B 180 1.46 19.34 11.85
C ARG B 180 0.66 18.08 11.48
N ILE B 181 0.76 17.05 12.32
CA ILE B 181 0.08 15.79 12.05
C ILE B 181 -1.39 15.82 12.52
N THR B 182 -2.31 15.31 11.72
CA THR B 182 -3.74 15.32 12.04
C THR B 182 -4.25 13.96 12.50
N ASP B 183 -5.57 13.87 12.70
CA ASP B 183 -6.25 12.64 13.12
C ASP B 183 -6.60 11.71 11.95
N ASN B 184 -6.20 12.14 10.76
CA ASN B 184 -6.29 11.30 9.57
C ASN B 184 -4.98 10.58 9.25
N MET B 185 -4.07 10.50 10.23
CA MET B 185 -2.76 9.87 10.09
C MET B 185 -2.45 9.00 11.28
N PHE B 186 -1.68 7.93 11.07
CA PHE B 186 -0.99 7.29 12.18
C PHE B 186 0.45 7.04 11.80
N CYS B 187 1.31 6.74 12.77
CA CYS B 187 2.68 6.46 12.43
C CYS B 187 3.03 5.11 12.96
N ALA B 188 3.98 4.45 12.31
CA ALA B 188 4.42 3.12 12.72
C ALA B 188 5.91 2.99 12.43
N GLY B 189 6.52 1.94 12.95
CA GLY B 189 7.97 1.72 12.87
C GLY B 189 8.54 1.43 14.25
N TYR B 190 9.78 0.95 14.31
CA TYR B 190 10.43 0.65 15.59
C TYR B 190 11.08 1.88 16.22
N LYS B 191 11.11 1.91 17.56
CA LYS B 191 11.76 2.98 18.33
C LYS B 191 13.25 2.66 18.43
N PRO B 192 14.11 3.70 18.49
CA PRO B 192 15.58 3.55 18.50
C PRO B 192 16.11 2.47 19.45
N ASP B 193 15.47 2.33 20.60
CA ASP B 193 15.90 1.37 21.63
C ASP B 193 15.48 -0.09 21.41
N GLU B 194 14.85 -0.42 20.28
CA GLU B 194 14.22 -1.74 20.14
C GLU B 194 14.99 -2.79 19.35
N GLY B 195 16.06 -2.39 18.67
CA GLY B 195 16.92 -3.33 17.95
C GLY B 195 16.43 -3.97 16.65
N LYS B 196 15.16 -3.77 16.28
CA LYS B 196 14.72 -4.08 14.93
C LYS B 196 14.57 -2.80 14.09
N ARG B 197 14.57 -2.95 12.77
CA ARG B 197 14.45 -1.83 11.84
C ARG B 197 13.41 -2.13 10.75
N GLY B 198 13.10 -1.13 9.93
CA GLY B 198 12.14 -1.32 8.85
C GLY B 198 11.37 -0.07 8.51
N ASP B 199 11.10 0.10 7.22
CA ASP B 199 10.33 1.25 6.75
C ASP B 199 9.95 1.08 5.27
N ALA B 200 8.94 1.84 4.85
CA ALA B 200 8.66 2.00 3.44
C ALA B 200 9.70 2.98 2.92
N CYS B 201 9.80 3.11 1.59
CA CYS B 201 10.75 4.04 0.96
C CYS B 201 10.20 4.44 -0.40
N GLU B 202 10.90 5.32 -1.14
CA GLU B 202 10.46 5.73 -2.48
C GLU B 202 9.91 4.58 -3.34
N GLY B 203 8.74 4.79 -3.91
CA GLY B 203 8.08 3.78 -4.70
C GLY B 203 7.10 2.87 -3.95
N ASP B 204 7.19 2.84 -2.61
CA ASP B 204 6.22 2.09 -1.81
C ASP B 204 4.95 2.90 -1.56
N SER B 205 5.02 4.20 -1.83
CA SER B 205 3.90 5.08 -1.53
C SER B 205 2.62 4.64 -2.21
N GLY B 206 1.51 4.82 -1.51
CA GLY B 206 0.21 4.48 -2.05
C GLY B 206 -0.16 3.03 -1.79
N GLY B 207 0.80 2.25 -1.35
CA GLY B 207 0.58 0.83 -1.06
C GLY B 207 -0.03 0.63 0.33
N PRO B 208 -0.47 -0.59 0.63
CA PRO B 208 -1.29 -0.87 1.81
C PRO B 208 -0.52 -1.20 3.09
N PHE B 209 -0.98 -0.64 4.21
CA PHE B 209 -0.63 -1.10 5.56
C PHE B 209 -1.78 -1.99 6.01
N VAL B 210 -1.54 -3.30 6.08
CA VAL B 210 -2.63 -4.23 6.42
C VAL B 210 -2.42 -4.90 7.78
N MET B 211 -3.52 -5.35 8.43
CA MET B 211 -3.48 -6.21 9.64
C MET B 211 -4.45 -7.39 9.56
N LYS B 212 -4.12 -8.48 10.23
CA LYS B 212 -4.94 -9.70 10.17
C LYS B 212 -5.72 -9.85 11.46
N SER B 213 -7.03 -10.08 11.34
CA SER B 213 -7.86 -10.32 12.52
C SER B 213 -7.81 -11.79 12.92
N PRO B 214 -7.48 -12.06 14.19
CA PRO B 214 -7.33 -13.45 14.65
C PRO B 214 -8.68 -14.19 14.79
N PHE B 215 -9.78 -13.44 14.76
CA PHE B 215 -11.10 -14.00 15.03
C PHE B 215 -11.86 -14.43 13.81
N ASN B 216 -11.71 -13.72 12.69
CA ASN B 216 -12.30 -14.18 11.41
C ASN B 216 -11.28 -14.56 10.37
N ASN B 217 -9.98 -14.36 10.67
CA ASN B 217 -8.88 -14.73 9.75
C ASN B 217 -8.70 -13.83 8.51
N ARG B 218 -9.38 -12.69 8.46
CA ARG B 218 -9.35 -11.82 7.31
C ARG B 218 -8.31 -10.74 7.43
N TRP B 219 -7.85 -10.24 6.28
CA TRP B 219 -6.92 -9.14 6.23
C TRP B 219 -7.66 -7.82 6.00
N TYR B 220 -7.31 -6.79 6.76
CA TYR B 220 -7.92 -5.49 6.64
C TYR B 220 -6.88 -4.43 6.30
N GLN B 221 -7.21 -3.54 5.38
CA GLN B 221 -6.32 -2.42 5.11
C GLN B 221 -6.63 -1.30 6.08
N MET B 222 -5.71 -1.04 7.00
CA MET B 222 -5.88 0.01 7.99
C MET B 222 -5.22 1.31 7.54
N GLY B 223 -4.17 1.21 6.72
CA GLY B 223 -3.45 2.39 6.27
C GLY B 223 -3.02 2.41 4.80
N ILE B 224 -2.54 3.57 4.38
CA ILE B 224 -1.96 3.76 3.05
C ILE B 224 -0.61 4.43 3.28
N VAL B 225 0.45 3.91 2.66
CA VAL B 225 1.80 4.52 2.76
C VAL B 225 1.72 5.95 2.23
N SER B 226 2.01 6.92 3.09
CA SER B 226 1.81 8.33 2.76
C SER B 226 3.09 9.15 2.72
N TRP B 227 3.72 9.35 3.88
CA TRP B 227 4.92 10.17 3.92
C TRP B 227 5.82 9.81 5.11
N GLY B 228 6.98 10.44 5.15
CA GLY B 228 7.98 10.21 6.17
C GLY B 228 9.20 11.05 5.80
N GLU B 229 10.16 11.11 6.70
CA GLU B 229 11.38 11.88 6.47
C GLU B 229 12.55 10.91 6.22
N GLY B 230 12.83 10.67 4.93
CA GLY B 230 13.83 9.68 4.54
C GLY B 230 13.27 8.27 4.66
N CYS B 231 14.16 7.29 4.85
CA CYS B 231 13.75 5.90 4.98
C CYS B 231 14.57 5.28 6.09
N ASP B 232 13.87 4.70 7.06
CA ASP B 232 14.46 3.93 8.14
C ASP B 232 15.47 4.73 8.97
N ARG B 233 15.19 6.01 9.21
CA ARG B 233 16.06 6.84 10.04
C ARG B 233 15.76 6.62 11.51
N ASP B 234 16.78 6.64 12.36
CA ASP B 234 16.59 6.54 13.81
C ASP B 234 15.85 7.72 14.41
N GLY B 235 14.80 7.42 15.18
CA GLY B 235 13.95 8.41 15.81
C GLY B 235 12.94 9.03 14.86
N LYS B 236 12.77 8.40 13.70
CA LYS B 236 11.76 8.81 12.71
C LYS B 236 10.78 7.65 12.44
N TYR B 237 9.57 7.99 12.00
CA TYR B 237 8.51 7.00 11.80
C TYR B 237 7.79 7.29 10.49
N GLY B 238 7.28 6.25 9.86
CA GLY B 238 6.47 6.41 8.67
C GLY B 238 5.05 6.78 9.08
N PHE B 239 4.44 7.63 8.28
CA PHE B 239 3.07 8.08 8.49
C PHE B 239 2.17 7.52 7.41
N TYR B 240 0.98 7.10 7.86
CA TYR B 240 0.02 6.39 7.02
C TYR B 240 -1.34 7.06 7.08
N THR B 241 -1.97 7.21 5.91
CA THR B 241 -3.39 7.60 5.85
C THR B 241 -4.26 6.63 6.66
N HIS B 242 -5.18 7.20 7.43
CA HIS B 242 -6.02 6.46 8.36
C HIS B 242 -7.30 5.99 7.66
N VAL B 243 -7.28 4.80 7.08
CA VAL B 243 -8.33 4.39 6.13
C VAL B 243 -9.73 4.44 6.75
N PHE B 244 -9.87 3.98 7.99
CA PHE B 244 -11.18 4.04 8.63
C PHE B 244 -11.77 5.45 8.78
N ARG B 245 -10.98 6.42 9.25
CA ARG B 245 -11.44 7.80 9.41
C ARG B 245 -11.98 8.38 8.09
N LEU B 246 -11.56 7.81 6.97
CA LEU B 246 -11.89 8.37 5.66
C LEU B 246 -12.85 7.49 4.88
N LYS B 247 -13.33 6.43 5.53
CA LYS B 247 -14.26 5.48 4.91
C LYS B 247 -15.58 6.09 4.39
N LYS B 248 -16.04 7.19 4.98
CA LYS B 248 -17.31 7.78 4.55
C LYS B 248 -17.17 8.38 3.16
N TRP B 249 -16.04 9.04 2.89
CA TRP B 249 -15.75 9.53 1.56
C TRP B 249 -15.69 8.37 0.54
N ILE B 250 -15.02 7.27 0.92
CA ILE B 250 -14.86 6.11 0.03
C ILE B 250 -16.26 5.65 -0.32
N GLN B 251 -17.07 5.51 0.73
CA GLN B 251 -18.43 5.04 0.66
C GLN B 251 -19.27 5.90 -0.29
N LYS B 252 -19.13 7.22 -0.18
CA LYS B 252 -19.85 8.15 -1.05
C LYS B 252 -19.49 7.97 -2.53
N VAL B 253 -18.19 7.96 -2.81
CA VAL B 253 -17.66 7.83 -4.19
C VAL B 253 -18.10 6.51 -4.87
N ILE B 254 -17.88 5.38 -4.21
CA ILE B 254 -18.32 4.09 -4.74
C ILE B 254 -19.85 4.02 -4.95
N ASP B 255 -20.64 4.63 -4.07
CA ASP B 255 -22.10 4.54 -4.16
C ASP B 255 -22.66 5.39 -5.26
N GLN B 256 -22.16 6.63 -5.35
CA GLN B 256 -22.60 7.59 -6.35
C GLN B 256 -22.05 7.29 -7.76
N PHE B 257 -20.87 6.67 -7.86
CA PHE B 257 -20.19 6.47 -9.15
C PHE B 257 -19.96 5.01 -9.58
N ASP C 1 14.40 -0.84 -16.99
CA ASP C 1 14.74 -2.29 -17.17
C ASP C 1 13.50 -3.20 -17.10
N PHE C 2 12.35 -2.64 -17.46
CA PHE C 2 11.12 -3.41 -17.57
C PHE C 2 11.12 -4.24 -18.83
N GLU C 3 10.63 -5.47 -18.73
CA GLU C 3 10.31 -6.26 -19.91
C GLU C 3 9.21 -5.52 -20.66
N GLU C 4 9.16 -5.62 -21.97
CA GLU C 4 8.12 -4.86 -22.66
C GLU C 4 6.76 -5.59 -22.62
N ILE C 5 5.70 -4.81 -22.57
CA ILE C 5 4.36 -5.32 -22.45
C ILE C 5 3.72 -5.08 -23.81
N PRO C 6 2.59 -5.76 -24.11
CA PRO C 6 1.94 -5.57 -25.41
C PRO C 6 1.70 -4.08 -25.68
N GLU C 7 2.10 -3.61 -26.85
CA GLU C 7 2.03 -2.16 -27.15
C GLU C 7 0.59 -1.62 -27.33
N GLU C 8 -0.38 -2.53 -27.41
CA GLU C 8 -1.79 -2.15 -27.40
C GLU C 8 -2.13 -1.30 -26.17
N TYR C 9 -1.46 -1.58 -25.04
CA TYR C 9 -1.69 -0.89 -23.76
C TYR C 9 -0.92 0.42 -23.66
N LEU C 10 0.14 0.54 -24.44
CA LEU C 10 0.91 1.79 -24.49
C LEU C 10 0.46 2.64 -25.68
N GLN C 11 -0.79 2.37 -26.10
CA GLN C 11 -1.52 3.12 -27.15
C GLN C 11 -1.11 2.74 -28.59
C20 9MQ D . 10.67 8.56 1.29
C27 9MQ D . 9.58 7.73 2.00
C32 9MQ D . 9.03 8.42 3.27
C33 9MQ D . 8.40 7.41 1.03
N37 9MQ D . 8.07 7.44 3.87
C38 9MQ D . 7.46 6.41 1.69
C40 9MQ D . 6.90 7.01 3.01
C41 9MQ D . 8.53 6.60 4.87
N42 9MQ D . 7.67 5.68 5.28
N43 9MQ D . 9.75 6.73 5.32
N3 9MQ D . 9.50 13.39 2.70
C1 9MQ D . 9.25 13.14 1.32
C2 9MQ D . 7.97 12.27 1.25
O6 9MQ D . 7.60 11.61 2.24
C4 9MQ D . 10.41 12.37 0.64
C8 9MQ D . 10.81 11.05 1.29
O15 9MQ D . 11.57 10.98 2.27
N14 9MQ D . 10.27 9.88 0.71
S7 9MQ D . 9.68 14.91 3.31
O13 9MQ D . 10.37 15.68 2.35
O12 9MQ D . 10.15 14.67 4.65
C18 9MQ D . 7.72 16.46 2.32
C11 9MQ D . 8.14 15.57 3.30
C19 9MQ D . 7.24 15.18 4.36
C26 9MQ D . 5.98 15.67 4.44
C35 9MQ D . 4.19 17.11 3.56
C39 9MQ D . 3.77 18.02 2.62
C36 9MQ D . 4.62 18.44 1.55
C31 9MQ D . 5.90 17.94 1.43
C25 9MQ D . 6.39 16.99 2.39
C30 9MQ D . 5.51 16.60 3.46
N5 9MQ D . 7.26 12.25 0.05
C9 9MQ D . 7.64 13.11 -1.11
C10 9MQ D . 6.19 11.27 -0.19
C16 9MQ D . 6.44 13.88 -1.57
C17 9MQ D . 6.79 10.11 -0.96
C21 9MQ D . 5.73 14.70 -0.64
C22 9MQ D . 6.02 13.75 -2.88
O23 9MQ D . 5.90 9.45 -1.68
O24 9MQ D . 7.96 9.75 -1.01
C28 9MQ D . 4.57 15.39 -1.06
C29 9MQ D . 4.86 14.44 -3.30
C34 9MQ D . 4.14 15.26 -2.41
C1 NAG E . -5.11 18.65 -13.36
C2 NAG E . -5.85 19.91 -12.86
C3 NAG E . -7.37 19.80 -13.06
C4 NAG E . -7.70 19.37 -14.48
C5 NAG E . -6.99 18.04 -14.74
C6 NAG E . -7.36 17.43 -16.08
C7 NAG E . -4.54 20.97 -11.08
C8 NAG E . -4.43 21.25 -9.61
N2 NAG E . -5.60 20.24 -11.47
O3 NAG E . -7.96 21.04 -12.78
O4 NAG E . -9.10 19.26 -14.64
O5 NAG E . -5.58 18.24 -14.64
O6 NAG E . -6.49 17.92 -17.08
O7 NAG E . -3.67 21.39 -11.85
NA NA F . 12.54 4.97 12.24
#